data_3QX9
#
_entry.id   3QX9
#
_cell.length_a   40.494
_cell.length_b   46.508
_cell.length_c   65.817
_cell.angle_alpha   87.14
_cell.angle_beta   73.56
_cell.angle_gamma   84.56
#
_symmetry.space_group_name_H-M   'P 1'
#
loop_
_entity.id
_entity.type
_entity.pdbx_description
1 polymer 'Protein argonaute-2'
2 non-polymer "ADENOSINE-5'-TRIPHOSPHATE"
3 water water
#
_entity_poly.entity_id   1
_entity_poly.type   'polypeptide(L)'
_entity_poly.pdbx_seq_one_letter_code
;SNKQFHTGIEIKVWAIACFAPQRQCTEVHLKSFTEQLRKISRDAGMPIQGQPCFCKYAQGADSVEPMFRHLKNTYAGLQL
VVVILPGKTPVYAEVKRVGDTVLGMATQCVQMKNVQRTTPQTLSNLCLKINVKLGGVN
;
_entity_poly.pdbx_strand_id   A,B,C
#
# COMPACT_ATOMS: atom_id res chain seq x y z
N LYS A 3 -6.76 6.52 -39.71
CA LYS A 3 -6.84 7.95 -40.03
C LYS A 3 -5.45 8.56 -39.87
N GLN A 4 -5.24 9.69 -40.55
CA GLN A 4 -4.03 10.48 -40.36
C GLN A 4 -4.09 11.42 -39.15
N PHE A 5 -2.91 11.82 -38.69
CA PHE A 5 -2.76 12.67 -37.53
C PHE A 5 -3.14 14.12 -37.89
N HIS A 6 -3.84 14.75 -36.92
CA HIS A 6 -4.16 16.17 -37.07
C HIS A 6 -3.24 17.05 -36.25
N THR A 7 -2.80 18.16 -36.83
CA THR A 7 -1.99 19.15 -36.14
C THR A 7 -2.86 20.33 -35.76
N GLY A 8 -2.38 21.06 -34.75
CA GLY A 8 -3.04 22.30 -34.43
C GLY A 8 -4.19 22.05 -33.46
N ILE A 9 -4.28 20.86 -32.86
CA ILE A 9 -5.07 20.70 -31.64
C ILE A 9 -4.24 21.10 -30.42
N GLU A 10 -4.77 21.99 -29.58
CA GLU A 10 -4.33 22.15 -28.20
C GLU A 10 -5.54 21.99 -27.31
N ILE A 11 -5.47 21.06 -26.32
CA ILE A 11 -6.57 20.89 -25.38
C ILE A 11 -6.26 21.61 -24.08
N LYS A 12 -6.93 22.75 -23.89
CA LYS A 12 -6.69 23.64 -22.77
C LYS A 12 -7.70 23.43 -21.65
N VAL A 13 -8.96 23.23 -22.02
CA VAL A 13 -10.05 23.10 -21.05
C VAL A 13 -10.65 21.67 -21.06
N TRP A 14 -10.28 20.92 -20.04
CA TRP A 14 -10.73 19.54 -19.99
C TRP A 14 -10.93 19.08 -18.54
N ALA A 15 -11.72 17.98 -18.39
CA ALA A 15 -12.09 17.52 -17.08
C ALA A 15 -11.82 16.02 -16.99
N ILE A 16 -11.59 15.56 -15.76
CA ILE A 16 -11.60 14.15 -15.45
C ILE A 16 -12.79 13.78 -14.59
N ALA A 17 -13.50 12.73 -14.99
CA ALA A 17 -14.51 12.13 -14.14
C ALA A 17 -14.05 10.72 -13.82
N CYS A 18 -13.84 10.43 -12.54
CA CYS A 18 -13.31 9.13 -12.21
C CYS A 18 -14.40 8.27 -11.61
N PHE A 19 -14.85 7.27 -12.37
CA PHE A 19 -15.92 6.40 -11.94
C PHE A 19 -15.36 5.12 -11.38
N ALA A 20 -14.04 5.01 -11.39
CA ALA A 20 -13.37 4.03 -10.56
C ALA A 20 -13.30 4.52 -9.12
N PRO A 21 -13.38 3.57 -8.14
CA PRO A 21 -13.29 3.92 -6.72
C PRO A 21 -11.89 4.51 -6.32
N GLN A 22 -11.91 5.55 -5.50
CA GLN A 22 -10.68 6.22 -5.10
C GLN A 22 -9.67 5.25 -4.54
N ARG A 23 -10.16 4.28 -3.80
CA ARG A 23 -9.30 3.36 -3.08
C ARG A 23 -8.53 2.44 -4.04
N GLN A 24 -9.01 2.34 -5.26
CA GLN A 24 -8.32 1.56 -6.28
C GLN A 24 -7.53 2.46 -7.21
N CYS A 25 -8.07 3.64 -7.50
CA CYS A 25 -7.46 4.59 -8.40
C CYS A 25 -7.39 5.92 -7.67
N THR A 26 -6.26 6.14 -7.00
CA THR A 26 -6.12 7.19 -6.02
C THR A 26 -5.71 8.49 -6.73
N GLU A 27 -5.68 9.56 -5.96
CA GLU A 27 -5.35 10.85 -6.51
C GLU A 27 -3.95 10.88 -7.11
N VAL A 28 -3.00 10.12 -6.61
CA VAL A 28 -1.63 10.06 -7.18
C VAL A 28 -1.61 9.31 -8.52
N HIS A 29 -2.40 8.24 -8.62
CA HIS A 29 -2.72 7.62 -9.91
C HIS A 29 -3.21 8.58 -10.97
N LEU A 30 -4.18 9.41 -10.58
CA LEU A 30 -4.74 10.36 -11.51
C LEU A 30 -3.73 11.41 -11.94
N LYS A 31 -3.03 11.96 -10.96
CA LYS A 31 -1.99 12.96 -11.17
C LYS A 31 -0.89 12.42 -12.10
N SER A 32 -0.39 11.24 -11.77
CA SER A 32 0.60 10.53 -12.56
C SER A 32 0.23 10.29 -14.01
N PHE A 33 -0.92 9.57 -14.21
CA PHE A 33 -1.53 9.33 -15.51
C PHE A 33 -1.67 10.65 -16.30
N THR A 34 -2.21 11.71 -15.67
CA THR A 34 -2.39 12.99 -16.33
C THR A 34 -1.06 13.55 -16.80
N GLU A 35 -0.03 13.50 -15.96
CA GLU A 35 1.31 13.99 -16.33
C GLU A 35 1.97 13.20 -17.47
N GLN A 36 1.74 11.89 -17.52
CA GLN A 36 2.23 11.11 -18.63
C GLN A 36 1.52 11.42 -19.94
N LEU A 37 0.22 11.59 -19.83
CA LEU A 37 -0.63 12.02 -20.92
C LEU A 37 -0.18 13.38 -21.42
N ARG A 38 0.05 14.29 -20.47
CA ARG A 38 0.55 15.61 -20.82
C ARG A 38 1.84 15.58 -21.63
N LYS A 39 2.78 14.70 -21.27
CA LYS A 39 4.05 14.70 -21.94
C LYS A 39 3.96 14.03 -23.32
N ILE A 40 3.23 12.93 -23.44
CA ILE A 40 3.15 12.25 -24.73
C ILE A 40 2.36 13.11 -25.73
N SER A 41 1.26 13.70 -25.29
CA SER A 41 0.47 14.54 -26.19
C SER A 41 1.23 15.79 -26.65
N ARG A 42 1.97 16.42 -25.74
CA ARG A 42 2.88 17.52 -26.06
C ARG A 42 3.87 17.08 -27.11
N ASP A 43 4.45 15.90 -26.91
CA ASP A 43 5.51 15.38 -27.77
C ASP A 43 4.99 15.08 -29.18
N ALA A 44 3.75 14.61 -29.25
CA ALA A 44 3.07 14.33 -30.52
C ALA A 44 2.48 15.57 -31.21
N GLY A 45 2.60 16.74 -30.62
CA GLY A 45 2.06 17.94 -31.24
C GLY A 45 0.59 18.23 -31.00
N MET A 46 0.01 17.61 -29.99
CA MET A 46 -1.39 17.81 -29.61
C MET A 46 -1.48 17.99 -28.10
N PRO A 47 -0.82 19.03 -27.56
CA PRO A 47 -0.64 19.27 -26.12
C PRO A 47 -1.97 19.34 -25.39
N ILE A 48 -2.15 18.44 -24.45
CA ILE A 48 -3.19 18.57 -23.43
C ILE A 48 -2.61 19.15 -22.18
N GLN A 49 -3.20 20.21 -21.67
CA GLN A 49 -2.63 20.92 -20.55
C GLN A 49 -2.70 20.09 -19.25
N GLY A 50 -1.73 20.14 -18.42
CA GLY A 50 -1.43 19.19 -17.36
C GLY A 50 -2.45 19.32 -16.25
N GLN A 51 -3.14 20.50 -16.24
CA GLN A 51 -4.10 20.80 -15.19
C GLN A 51 -5.56 20.77 -15.69
N PRO A 52 -6.31 19.62 -15.39
CA PRO A 52 -7.74 19.62 -15.75
C PRO A 52 -8.47 20.69 -14.93
N CYS A 53 -9.51 21.27 -15.50
CA CYS A 53 -10.33 22.25 -14.81
C CYS A 53 -11.21 21.63 -13.72
N PHE A 54 -11.24 20.30 -13.68
CA PHE A 54 -12.20 19.58 -12.83
C PHE A 54 -11.63 18.18 -12.69
N CYS A 55 -11.59 17.66 -11.48
CA CYS A 55 -11.27 16.27 -11.33
C CYS A 55 -11.96 15.68 -10.10
N LYS A 56 -12.96 14.85 -10.32
CA LYS A 56 -13.72 14.27 -9.22
C LYS A 56 -14.06 12.79 -9.42
N TYR A 57 -14.32 12.13 -8.30
CA TYR A 57 -14.82 10.77 -8.30
C TYR A 57 -16.33 10.76 -8.25
N ALA A 58 -16.91 9.77 -8.92
CA ALA A 58 -18.36 9.58 -8.95
C ALA A 58 -18.66 8.08 -8.96
N GLN A 59 -19.82 7.68 -8.47
CA GLN A 59 -20.23 6.27 -8.56
C GLN A 59 -21.52 6.15 -9.32
N GLY A 60 -21.61 5.14 -10.17
CA GLY A 60 -22.86 4.69 -10.77
C GLY A 60 -23.18 5.48 -12.03
N ALA A 61 -23.86 4.83 -12.99
CA ALA A 61 -24.38 5.51 -14.19
C ALA A 61 -25.34 6.65 -13.85
N ASP A 62 -26.00 6.54 -12.69
CA ASP A 62 -26.93 7.57 -12.22
C ASP A 62 -26.25 8.92 -11.93
N SER A 63 -24.95 8.87 -11.63
CA SER A 63 -24.19 10.08 -11.35
C SER A 63 -23.77 10.80 -12.63
N VAL A 64 -23.80 10.10 -13.77
CA VAL A 64 -23.21 10.63 -15.00
C VAL A 64 -23.92 11.88 -15.48
N GLU A 65 -25.25 11.88 -15.51
CA GLU A 65 -25.95 12.97 -16.21
C GLU A 65 -25.90 14.25 -15.41
N PRO A 66 -26.14 14.16 -14.08
CA PRO A 66 -25.97 15.31 -13.18
C PRO A 66 -24.55 15.88 -13.28
N MET A 67 -23.54 15.03 -13.26
CA MET A 67 -22.19 15.50 -13.38
C MET A 67 -21.92 16.21 -14.69
N PHE A 68 -22.33 15.61 -15.80
CA PHE A 68 -22.05 16.23 -17.08
C PHE A 68 -22.79 17.57 -17.28
N ARG A 69 -24.04 17.63 -16.87
CA ARG A 69 -24.77 18.90 -16.85
C ARG A 69 -24.07 19.93 -15.99
N HIS A 70 -23.58 19.50 -14.82
CA HIS A 70 -22.69 20.33 -14.02
C HIS A 70 -21.50 20.87 -14.79
N LEU A 71 -20.74 19.99 -15.41
CA LEU A 71 -19.61 20.41 -16.22
C LEU A 71 -19.95 21.42 -17.33
N LYS A 72 -21.03 21.13 -18.08
CA LYS A 72 -21.46 21.99 -19.19
C LYS A 72 -21.84 23.40 -18.70
N ASN A 73 -22.38 23.46 -17.49
CA ASN A 73 -22.93 24.70 -16.94
C ASN A 73 -21.90 25.55 -16.17
N THR A 74 -20.69 25.02 -16.00
CA THR A 74 -19.70 25.55 -15.05
C THR A 74 -18.45 25.97 -15.81
N TYR A 75 -18.14 25.23 -16.88
CA TYR A 75 -16.86 25.36 -17.57
C TYR A 75 -16.99 25.76 -19.03
N ALA A 76 -16.93 27.06 -19.30
CA ALA A 76 -17.06 27.57 -20.66
C ALA A 76 -15.90 27.07 -21.47
N GLY A 77 -16.11 26.70 -22.73
CA GLY A 77 -15.00 26.27 -23.57
C GLY A 77 -14.43 24.89 -23.28
N LEU A 78 -15.24 24.04 -22.65
CA LEU A 78 -14.76 22.76 -22.19
C LEU A 78 -14.65 21.90 -23.44
N GLN A 79 -13.50 21.26 -23.63
CA GLN A 79 -13.17 20.62 -24.90
C GLN A 79 -13.28 19.10 -24.82
N LEU A 80 -13.23 18.54 -23.63
CA LEU A 80 -13.02 17.10 -23.46
C LEU A 80 -13.29 16.70 -22.02
N VAL A 81 -14.07 15.67 -21.83
CA VAL A 81 -14.07 14.89 -20.60
C VAL A 81 -13.45 13.52 -20.77
N VAL A 82 -12.44 13.28 -19.95
CA VAL A 82 -11.78 11.98 -19.82
C VAL A 82 -12.39 11.23 -18.68
N VAL A 83 -12.90 10.06 -19.01
CA VAL A 83 -13.70 9.35 -18.05
C VAL A 83 -13.03 8.03 -17.69
N ILE A 84 -12.76 7.85 -16.41
CA ILE A 84 -12.10 6.62 -15.99
C ILE A 84 -13.07 5.59 -15.50
N LEU A 85 -12.96 4.39 -16.07
CA LEU A 85 -13.97 3.36 -15.83
C LEU A 85 -13.34 2.20 -15.11
N PRO A 86 -14.03 1.66 -14.09
CA PRO A 86 -13.55 0.44 -13.43
C PRO A 86 -14.01 -0.81 -14.19
N GLY A 87 -13.19 -1.35 -15.10
CA GLY A 87 -13.64 -2.45 -15.95
C GLY A 87 -14.93 -2.19 -16.70
N LYS A 88 -15.70 -3.27 -16.90
CA LYS A 88 -16.97 -3.26 -17.64
C LYS A 88 -18.06 -2.68 -16.75
N THR A 89 -18.90 -1.80 -17.31
CA THR A 89 -19.80 -1.02 -16.49
C THR A 89 -20.80 -0.31 -17.35
N PRO A 90 -22.06 -0.24 -16.86
CA PRO A 90 -23.09 0.52 -17.56
C PRO A 90 -22.72 2.00 -17.69
N VAL A 91 -21.77 2.46 -16.82
CA VAL A 91 -21.29 3.84 -16.92
C VAL A 91 -20.87 4.21 -18.36
N TYR A 92 -20.20 3.30 -19.09
CA TYR A 92 -19.74 3.59 -20.44
C TYR A 92 -20.88 4.07 -21.36
N ALA A 93 -21.93 3.26 -21.48
CA ALA A 93 -23.11 3.59 -22.27
C ALA A 93 -23.75 4.93 -21.88
N GLU A 94 -23.82 5.20 -20.57
CA GLU A 94 -24.43 6.44 -20.10
C GLU A 94 -23.67 7.72 -20.48
N VAL A 95 -22.36 7.70 -20.22
CA VAL A 95 -21.38 8.70 -20.70
C VAL A 95 -21.57 8.98 -22.20
N LYS A 96 -21.64 7.94 -23.03
CA LYS A 96 -21.85 8.04 -24.49
C LYS A 96 -23.24 8.57 -24.82
N ARG A 97 -24.25 8.01 -24.18
CA ARG A 97 -25.59 8.57 -24.26
C ARG A 97 -25.55 10.07 -23.99
N VAL A 98 -25.00 10.48 -22.85
CA VAL A 98 -25.16 11.87 -22.45
C VAL A 98 -24.29 12.81 -23.32
N GLY A 99 -23.02 12.48 -23.48
CA GLY A 99 -22.15 13.33 -24.28
C GLY A 99 -22.52 13.29 -25.74
N ASP A 100 -22.75 12.10 -26.26
CA ASP A 100 -22.87 11.96 -27.70
C ASP A 100 -24.26 12.42 -28.20
N THR A 101 -25.32 12.16 -27.44
CA THR A 101 -26.66 12.35 -27.96
C THR A 101 -27.46 13.37 -27.17
N VAL A 102 -27.02 13.74 -25.97
CA VAL A 102 -27.78 14.77 -25.23
C VAL A 102 -27.15 16.15 -25.06
N LEU A 103 -25.89 16.21 -24.64
CA LEU A 103 -25.26 17.49 -24.35
C LEU A 103 -24.21 17.93 -25.36
N GLY A 104 -23.86 17.05 -26.32
CA GLY A 104 -22.84 17.38 -27.30
C GLY A 104 -21.49 17.68 -26.65
N MET A 105 -21.07 16.76 -25.80
CA MET A 105 -19.79 16.88 -25.10
C MET A 105 -18.84 15.74 -25.56
N ALA A 106 -17.63 16.11 -25.99
CA ALA A 106 -16.65 15.10 -26.40
C ALA A 106 -16.20 14.39 -25.13
N THR A 107 -16.16 13.06 -25.17
CA THR A 107 -15.71 12.27 -24.03
C THR A 107 -14.69 11.24 -24.50
N GLN A 108 -13.78 10.87 -23.63
CA GLN A 108 -12.91 9.79 -23.99
C GLN A 108 -12.78 8.92 -22.78
N CYS A 109 -13.17 7.67 -22.92
CA CYS A 109 -13.13 6.72 -21.83
C CYS A 109 -11.76 6.03 -21.76
N VAL A 110 -11.39 5.65 -20.55
CA VAL A 110 -10.12 5.01 -20.28
C VAL A 110 -10.32 4.01 -19.15
N GLN A 111 -9.61 2.90 -19.23
CA GLN A 111 -9.73 1.86 -18.25
C GLN A 111 -8.87 2.16 -17.04
N MET A 112 -9.45 1.95 -15.87
CA MET A 112 -8.77 2.13 -14.60
C MET A 112 -7.38 1.53 -14.57
N LYS A 113 -7.21 0.32 -15.11
CA LYS A 113 -5.90 -0.35 -15.05
C LYS A 113 -4.82 0.43 -15.80
N ASN A 114 -5.25 1.10 -16.88
CA ASN A 114 -4.36 1.98 -17.64
C ASN A 114 -4.08 3.35 -17.03
N VAL A 115 -4.80 3.69 -15.97
CA VAL A 115 -4.54 4.90 -15.18
C VAL A 115 -3.65 4.53 -13.99
N GLN A 116 -3.99 3.42 -13.32
CA GLN A 116 -3.12 2.86 -12.25
C GLN A 116 -1.71 2.62 -12.72
N ARG A 117 -1.56 2.04 -13.90
CA ARG A 117 -0.25 1.78 -14.47
C ARG A 117 -0.26 2.11 -15.97
N THR A 118 0.41 3.16 -16.36
CA THR A 118 0.39 3.61 -17.76
C THR A 118 1.47 2.86 -18.56
N THR A 119 1.24 2.66 -19.87
CA THR A 119 2.34 2.33 -20.78
C THR A 119 2.34 3.27 -21.97
N PRO A 120 3.47 3.43 -22.65
CA PRO A 120 3.49 4.35 -23.78
C PRO A 120 2.44 4.03 -24.80
N GLN A 121 2.19 2.73 -24.96
CA GLN A 121 1.31 2.25 -25.98
C GLN A 121 -0.15 2.57 -25.69
N THR A 122 -0.55 2.46 -24.43
CA THR A 122 -1.93 2.79 -24.07
C THR A 122 -2.19 4.27 -24.02
N LEU A 123 -1.21 5.04 -23.53
CA LEU A 123 -1.21 6.51 -23.67
C LEU A 123 -1.29 6.98 -25.13
N SER A 124 -0.53 6.35 -26.02
CA SER A 124 -0.58 6.61 -27.46
C SER A 124 -1.96 6.35 -28.02
N ASN A 125 -2.52 5.18 -27.71
CA ASN A 125 -3.89 4.78 -28.10
C ASN A 125 -4.88 5.87 -27.76
N LEU A 126 -4.78 6.37 -26.53
CA LEU A 126 -5.62 7.44 -26.06
C LEU A 126 -5.42 8.72 -26.86
N CYS A 127 -4.18 9.13 -27.03
CA CYS A 127 -3.85 10.30 -27.84
C CYS A 127 -4.41 10.22 -29.22
N LEU A 128 -4.30 9.05 -29.82
CA LEU A 128 -4.82 8.84 -31.18
C LEU A 128 -6.32 8.98 -31.25
N LYS A 129 -7.03 8.42 -30.28
CA LYS A 129 -8.48 8.58 -30.18
C LYS A 129 -8.92 10.03 -29.94
N ILE A 130 -8.23 10.69 -29.02
CA ILE A 130 -8.45 12.11 -28.81
C ILE A 130 -8.21 12.91 -30.07
N ASN A 131 -7.16 12.57 -30.80
CA ASN A 131 -6.83 13.32 -32.00
C ASN A 131 -7.96 13.24 -33.00
N VAL A 132 -8.47 12.03 -33.21
CA VAL A 132 -9.57 11.82 -34.13
C VAL A 132 -10.81 12.65 -33.79
N LYS A 133 -11.19 12.64 -32.52
CA LYS A 133 -12.39 13.34 -32.04
C LYS A 133 -12.28 14.85 -32.21
N LEU A 134 -11.18 15.48 -31.72
CA LEU A 134 -11.07 16.94 -31.70
C LEU A 134 -10.45 17.53 -32.98
N GLY A 135 -10.21 16.63 -33.97
CA GLY A 135 -9.48 17.00 -35.19
C GLY A 135 -10.20 17.77 -36.32
N GLY A 136 -11.52 17.64 -36.47
CA GLY A 136 -12.28 18.50 -37.38
C GLY A 136 -12.41 18.02 -38.83
N VAL A 137 -11.63 16.95 -39.02
CA VAL A 137 -11.88 16.18 -40.28
C VAL A 137 -12.67 14.84 -40.16
N GLN B 4 2.47 21.08 -10.58
CA GLN B 4 3.02 20.05 -11.49
C GLN B 4 3.49 18.75 -10.81
N PHE B 5 3.03 17.61 -11.33
CA PHE B 5 3.45 16.30 -10.86
C PHE B 5 4.61 15.88 -11.74
N HIS B 6 5.61 15.21 -11.18
CA HIS B 6 6.74 14.73 -11.97
C HIS B 6 6.80 13.18 -12.05
N THR B 7 6.77 12.64 -13.27
CA THR B 7 6.89 11.20 -13.45
C THR B 7 8.28 10.88 -13.96
N GLY B 8 8.60 9.58 -13.97
CA GLY B 8 9.92 9.10 -14.34
C GLY B 8 11.00 9.64 -13.44
N ILE B 9 10.68 9.79 -12.15
CA ILE B 9 11.69 10.07 -11.13
C ILE B 9 11.93 8.85 -10.29
N GLU B 10 12.96 8.92 -9.45
CA GLU B 10 13.45 7.72 -8.78
C GLU B 10 14.02 8.09 -7.42
N ILE B 11 13.44 7.40 -6.34
CA ILE B 11 14.03 7.52 -5.01
C ILE B 11 14.75 6.24 -4.62
N LYS B 12 16.07 6.25 -4.82
CA LYS B 12 16.89 5.06 -4.61
C LYS B 12 17.44 5.00 -3.19
N VAL B 13 17.74 6.25 -2.61
CA VAL B 13 18.28 6.28 -1.26
C VAL B 13 17.50 7.20 -0.30
N TRP B 14 16.92 6.53 0.66
CA TRP B 14 15.98 7.21 1.55
C TRP B 14 15.99 6.49 2.88
N ALA B 15 15.67 7.24 3.93
CA ALA B 15 15.76 6.71 5.29
C ALA B 15 14.45 6.91 6.04
N ILE B 16 14.22 6.15 7.08
CA ILE B 16 13.11 6.27 8.00
C ILE B 16 13.64 6.53 9.41
N ALA B 17 13.26 7.65 9.98
CA ALA B 17 13.44 7.91 11.42
C ALA B 17 12.09 7.80 12.10
N CYS B 18 11.90 6.84 13.00
CA CYS B 18 10.58 6.65 13.64
C CYS B 18 10.64 7.21 15.03
N PHE B 19 9.96 8.33 15.26
CA PHE B 19 9.92 8.97 16.59
C PHE B 19 8.71 8.57 17.45
N ALA B 20 7.85 7.72 16.92
CA ALA B 20 6.93 6.95 17.72
C ALA B 20 7.58 5.69 18.28
N PRO B 21 7.14 5.22 19.46
CA PRO B 21 7.90 4.16 20.11
C PRO B 21 7.76 2.89 19.28
N GLN B 22 8.68 1.97 19.28
CA GLN B 22 8.63 0.64 18.73
C GLN B 22 7.38 -0.05 19.11
N ARG B 23 7.06 0.06 20.39
CA ARG B 23 5.94 -0.64 20.98
C ARG B 23 4.61 -0.35 20.27
N GLN B 24 4.47 0.91 19.78
CA GLN B 24 3.27 1.30 19.04
C GLN B 24 3.44 1.05 17.54
N CYS B 25 4.73 1.29 17.03
CA CYS B 25 4.98 1.24 15.60
C CYS B 25 6.03 0.20 15.29
N THR B 26 5.59 -1.04 15.08
CA THR B 26 6.48 -2.18 15.11
C THR B 26 7.10 -2.39 13.77
N GLU B 27 8.00 -3.36 13.75
CA GLU B 27 8.81 -3.62 12.58
C GLU B 27 7.92 -4.15 11.46
N VAL B 28 6.86 -4.87 11.82
CA VAL B 28 5.94 -5.38 10.81
C VAL B 28 5.11 -4.22 10.26
N HIS B 29 4.72 -3.28 11.12
CA HIS B 29 4.11 -2.05 10.65
C HIS B 29 4.99 -1.32 9.66
N LEU B 30 6.26 -1.09 10.02
CA LEU B 30 7.19 -0.35 9.16
C LEU B 30 7.42 -1.05 7.84
N LYS B 31 7.43 -2.38 7.88
CA LYS B 31 7.82 -3.17 6.73
C LYS B 31 6.65 -3.30 5.78
N SER B 32 5.45 -3.61 6.25
CA SER B 32 4.25 -3.54 5.43
C SER B 32 4.13 -2.20 4.75
N PHE B 33 4.15 -1.13 5.54
CA PHE B 33 4.10 0.23 5.06
C PHE B 33 5.13 0.50 3.96
N THR B 34 6.39 0.18 4.25
CA THR B 34 7.44 0.35 3.26
C THR B 34 7.14 -0.37 1.95
N GLU B 35 6.55 -1.56 2.00
CA GLU B 35 6.27 -2.34 0.80
C GLU B 35 5.05 -1.79 0.05
N GLN B 36 4.05 -1.34 0.76
CA GLN B 36 2.91 -0.75 0.09
C GLN B 36 3.31 0.58 -0.54
N LEU B 37 4.15 1.39 0.15
CA LEU B 37 4.63 2.66 -0.42
C LEU B 37 5.45 2.42 -1.67
N ARG B 38 6.18 1.32 -1.67
CA ARG B 38 7.00 0.93 -2.80
C ARG B 38 6.11 0.74 -4.03
N LYS B 39 4.99 0.04 -3.85
CA LYS B 39 4.19 -0.42 -4.97
C LYS B 39 3.44 0.72 -5.57
N ILE B 40 2.85 1.54 -4.72
CA ILE B 40 2.10 2.69 -5.18
C ILE B 40 3.01 3.75 -5.85
N SER B 41 4.17 4.07 -5.27
CA SER B 41 5.03 5.11 -5.85
C SER B 41 5.60 4.66 -7.19
N ARG B 42 5.86 3.36 -7.29
CA ARG B 42 6.23 2.74 -8.56
C ARG B 42 5.16 2.89 -9.64
N ASP B 43 3.94 2.46 -9.35
CA ASP B 43 2.80 2.63 -10.25
C ASP B 43 2.61 4.08 -10.68
N ALA B 44 2.90 5.02 -9.79
CA ALA B 44 2.68 6.44 -10.05
C ALA B 44 3.90 7.10 -10.67
N GLY B 45 4.83 6.36 -11.18
CA GLY B 45 5.86 6.92 -12.04
C GLY B 45 6.95 7.62 -11.23
N MET B 46 6.91 7.43 -9.92
CA MET B 46 7.91 8.01 -9.03
C MET B 46 8.27 6.94 -8.02
N PRO B 47 9.00 5.91 -8.45
CA PRO B 47 9.25 4.76 -7.56
C PRO B 47 10.21 5.12 -6.38
N ILE B 48 9.78 4.71 -5.18
CA ILE B 48 10.60 4.68 -4.00
C ILE B 48 11.14 3.29 -3.82
N GLN B 49 12.44 3.08 -3.72
CA GLN B 49 13.04 1.77 -3.46
C GLN B 49 12.47 1.04 -2.22
N GLY B 50 12.33 -0.29 -2.32
CA GLY B 50 11.66 -1.03 -1.26
C GLY B 50 12.54 -1.33 -0.06
N GLN B 51 13.86 -1.04 -0.20
CA GLN B 51 14.69 -1.06 1.02
C GLN B 51 15.32 0.28 1.51
N PRO B 52 14.85 0.86 2.65
CA PRO B 52 15.50 2.09 3.10
C PRO B 52 16.92 1.76 3.54
N CYS B 53 17.75 2.79 3.58
CA CYS B 53 19.16 2.60 3.87
C CYS B 53 19.38 2.54 5.41
N PHE B 54 18.35 2.97 6.13
CA PHE B 54 18.43 3.32 7.54
C PHE B 54 16.99 3.29 8.00
N CYS B 55 16.79 2.54 9.06
CA CYS B 55 15.48 2.50 9.70
C CYS B 55 15.64 2.32 11.20
N LYS B 56 15.77 3.43 11.93
CA LYS B 56 15.94 3.39 13.38
C LYS B 56 14.81 4.15 14.12
N TYR B 57 14.44 3.65 15.30
CA TYR B 57 13.73 4.42 16.36
C TYR B 57 14.57 5.52 17.04
N ALA B 58 13.96 6.69 17.25
CA ALA B 58 14.44 7.72 18.21
C ALA B 58 13.32 8.33 19.12
N GLN B 59 13.69 8.97 20.26
CA GLN B 59 12.70 9.68 21.07
C GLN B 59 13.15 11.06 21.47
N GLY B 60 12.26 12.02 21.20
CA GLY B 60 12.50 13.40 21.58
C GLY B 60 13.13 14.28 20.50
N ALA B 61 12.82 15.57 20.57
CA ALA B 61 13.42 16.61 19.73
C ALA B 61 14.95 16.59 19.79
N ASP B 62 15.51 16.23 20.94
CA ASP B 62 16.98 16.32 21.13
C ASP B 62 17.72 15.30 20.27
N SER B 63 17.06 14.19 19.91
CA SER B 63 17.70 13.11 19.18
C SER B 63 17.63 13.34 17.66
N VAL B 64 17.01 14.46 17.21
CA VAL B 64 16.89 14.81 15.76
C VAL B 64 18.10 15.33 14.95
N GLU B 65 18.77 16.39 15.45
CA GLU B 65 20.05 16.83 14.91
C GLU B 65 21.14 15.78 14.92
N PRO B 66 21.46 15.09 16.06
CA PRO B 66 22.48 14.07 16.05
C PRO B 66 22.19 12.94 15.04
N MET B 67 20.90 12.63 14.82
CA MET B 67 20.49 11.53 13.99
C MET B 67 20.77 11.89 12.56
N PHE B 68 20.44 13.14 12.23
CA PHE B 68 20.41 13.61 10.87
C PHE B 68 21.84 13.79 10.33
N ARG B 69 22.70 14.49 11.09
CA ARG B 69 24.17 14.42 10.94
C ARG B 69 24.71 13.02 10.65
N HIS B 70 24.42 12.02 11.48
CA HIS B 70 24.87 10.66 11.14
C HIS B 70 24.36 10.25 9.77
N LEU B 71 23.08 10.47 9.50
CA LEU B 71 22.45 10.03 8.25
C LEU B 71 23.18 10.63 7.03
N LYS B 72 23.20 11.96 7.01
CA LYS B 72 23.91 12.73 5.99
C LYS B 72 25.35 12.22 5.65
N ASN B 73 26.11 11.95 6.70
CA ASN B 73 27.51 11.67 6.61
C ASN B 73 27.79 10.17 6.51
N THR B 74 26.76 9.35 6.59
CA THR B 74 26.97 7.89 6.47
C THR B 74 26.52 7.37 5.12
N TYR B 75 25.53 8.16 4.56
CA TYR B 75 24.70 7.64 3.50
C TYR B 75 24.71 8.64 2.36
N ALA B 76 25.84 8.73 1.64
CA ALA B 76 25.98 9.55 0.42
C ALA B 76 24.90 9.23 -0.61
N GLY B 77 24.31 10.26 -1.23
CA GLY B 77 23.18 10.00 -2.15
C GLY B 77 21.75 9.97 -1.57
N LEU B 78 21.65 9.96 -0.25
CA LEU B 78 20.35 9.97 0.36
C LEU B 78 19.54 11.13 -0.15
N GLN B 79 18.34 10.79 -0.57
CA GLN B 79 17.42 11.75 -1.15
C GLN B 79 16.30 12.23 -0.18
N LEU B 80 15.92 11.43 0.80
CA LEU B 80 14.73 11.72 1.62
C LEU B 80 14.81 11.00 2.93
N VAL B 81 14.51 11.73 4.01
CA VAL B 81 14.16 11.08 5.28
C VAL B 81 12.65 11.06 5.53
N VAL B 82 12.09 9.86 5.56
CA VAL B 82 10.70 9.66 5.97
C VAL B 82 10.59 9.66 7.53
N VAL B 83 9.91 10.67 8.07
CA VAL B 83 9.85 10.87 9.51
C VAL B 83 8.50 10.48 10.09
N ILE B 84 8.49 9.45 10.93
CA ILE B 84 7.25 8.98 11.54
C ILE B 84 7.01 9.61 12.91
N LEU B 85 5.95 10.41 12.99
CA LEU B 85 5.57 11.08 14.23
C LEU B 85 4.30 10.41 14.83
N PRO B 86 4.19 10.40 16.18
CA PRO B 86 3.01 9.85 16.84
C PRO B 86 1.81 10.79 16.75
N GLY B 87 2.04 12.08 16.49
CA GLY B 87 0.94 13.01 16.31
C GLY B 87 1.49 14.40 16.42
N LYS B 88 0.87 15.23 17.23
CA LYS B 88 1.49 16.48 17.59
C LYS B 88 2.70 16.35 18.51
N THR B 89 3.79 16.99 18.10
CA THR B 89 5.03 16.82 18.80
C THR B 89 6.06 17.92 18.44
N PRO B 90 6.84 18.36 19.42
CA PRO B 90 7.94 19.35 19.22
C PRO B 90 9.01 18.84 18.26
N VAL B 91 9.00 17.46 18.13
CA VAL B 91 9.93 16.80 17.25
C VAL B 91 9.75 17.36 15.87
N TYR B 92 8.52 17.75 15.54
CA TYR B 92 8.24 18.27 14.22
C TYR B 92 8.93 19.60 13.86
N ALA B 93 8.64 20.66 14.61
CA ALA B 93 9.40 21.89 14.44
C ALA B 93 10.89 21.64 14.52
N GLU B 94 11.32 20.69 15.33
CA GLU B 94 12.72 20.39 15.35
C GLU B 94 13.24 19.75 14.05
N VAL B 95 12.43 18.90 13.43
CA VAL B 95 12.88 18.08 12.31
C VAL B 95 13.09 18.98 11.10
N LYS B 96 12.33 20.05 11.11
CA LYS B 96 12.27 20.98 10.03
C LYS B 96 13.45 21.93 10.18
N ARG B 97 13.52 22.60 11.35
CA ARG B 97 14.73 23.35 11.74
C ARG B 97 16.01 22.63 11.32
N VAL B 98 16.24 21.41 11.77
CA VAL B 98 17.46 20.74 11.33
C VAL B 98 17.61 20.50 9.79
N GLY B 99 16.72 19.68 9.20
CA GLY B 99 16.80 19.34 7.78
C GLY B 99 16.66 20.53 6.82
N ASP B 100 15.90 21.55 7.23
CA ASP B 100 15.56 22.62 6.32
C ASP B 100 16.63 23.73 6.37
N THR B 101 17.21 23.92 7.55
CA THR B 101 17.84 25.19 7.91
C THR B 101 19.30 24.96 8.34
N VAL B 102 19.67 23.70 8.57
CA VAL B 102 20.95 23.42 9.15
C VAL B 102 21.72 22.40 8.31
N LEU B 103 21.09 21.40 7.82
CA LEU B 103 21.79 20.33 7.11
C LEU B 103 21.36 20.19 5.65
N GLY B 104 20.45 21.06 5.15
CA GLY B 104 19.74 20.85 3.89
C GLY B 104 19.42 19.39 3.59
N MET B 105 18.53 18.81 4.32
CA MET B 105 18.11 17.43 4.10
C MET B 105 16.62 17.41 3.87
N ALA B 106 16.19 16.62 2.83
CA ALA B 106 14.75 16.69 2.53
C ALA B 106 14.04 15.71 3.49
N THR B 107 12.95 16.16 4.11
CA THR B 107 12.22 15.34 5.09
C THR B 107 10.71 15.31 4.77
N GLN B 108 10.12 14.19 5.00
CA GLN B 108 8.68 14.08 4.87
C GLN B 108 8.12 13.35 6.07
N CYS B 109 7.32 14.05 6.91
CA CYS B 109 6.61 13.47 8.06
C CYS B 109 5.32 12.72 7.69
N VAL B 110 5.09 11.62 8.41
CA VAL B 110 3.91 10.79 8.24
C VAL B 110 3.46 10.41 9.64
N GLN B 111 2.16 10.36 9.84
CA GLN B 111 1.61 10.03 11.16
C GLN B 111 1.67 8.55 11.36
N MET B 112 1.93 8.12 12.58
CA MET B 112 2.13 6.71 12.85
C MET B 112 0.86 5.91 12.63
N LYS B 113 -0.31 6.52 12.82
CA LYS B 113 -1.58 5.82 12.51
C LYS B 113 -1.65 5.36 11.05
N ASN B 114 -1.02 6.11 10.15
CA ASN B 114 -1.07 5.80 8.72
C ASN B 114 0.05 4.88 8.27
N VAL B 115 0.94 4.58 9.20
CA VAL B 115 1.95 3.54 9.08
C VAL B 115 1.44 2.23 9.66
N GLN B 116 0.80 2.29 10.84
CA GLN B 116 0.11 1.13 11.47
C GLN B 116 -0.97 0.50 10.62
N ARG B 117 -1.74 1.32 9.97
CA ARG B 117 -2.76 0.82 9.08
C ARG B 117 -2.68 1.70 7.84
N THR B 118 -2.15 1.17 6.68
CA THR B 118 -2.14 1.97 5.46
C THR B 118 -3.46 1.94 4.75
N THR B 119 -3.76 3.02 4.04
CA THR B 119 -4.74 2.93 2.95
C THR B 119 -4.19 3.51 1.65
N PRO B 120 -4.76 3.09 0.51
CA PRO B 120 -4.33 3.71 -0.76
C PRO B 120 -4.38 5.26 -0.74
N GLN B 121 -5.42 5.77 0.00
CA GLN B 121 -5.61 7.22 0.01
C GLN B 121 -4.49 7.94 0.75
N THR B 122 -4.12 7.45 1.88
CA THR B 122 -3.08 8.09 2.72
C THR B 122 -1.68 7.88 2.13
N LEU B 123 -1.46 6.71 1.54
CA LEU B 123 -0.24 6.44 0.77
C LEU B 123 -0.10 7.35 -0.45
N SER B 124 -1.22 7.54 -1.16
CA SER B 124 -1.36 8.59 -2.18
C SER B 124 -1.02 10.00 -1.72
N ASN B 125 -1.69 10.46 -0.66
CA ASN B 125 -1.35 11.73 0.03
C ASN B 125 0.14 11.90 0.25
N LEU B 126 0.77 10.85 0.78
CA LEU B 126 2.20 10.84 1.03
C LEU B 126 3.03 11.02 -0.21
N CYS B 127 2.79 10.19 -1.23
CA CYS B 127 3.48 10.33 -2.51
C CYS B 127 3.31 11.71 -3.14
N LEU B 128 2.15 12.29 -3.04
CA LEU B 128 1.94 13.61 -3.61
C LEU B 128 2.77 14.68 -2.92
N LYS B 129 2.77 14.69 -1.58
CA LYS B 129 3.65 15.57 -0.79
C LYS B 129 5.11 15.35 -1.11
N ILE B 130 5.51 14.09 -1.18
CA ILE B 130 6.87 13.75 -1.57
C ILE B 130 7.21 14.29 -2.97
N ASN B 131 6.35 14.03 -3.95
CA ASN B 131 6.61 14.46 -5.30
C ASN B 131 6.80 15.98 -5.36
N VAL B 132 5.95 16.74 -4.65
CA VAL B 132 6.03 18.19 -4.56
C VAL B 132 7.39 18.65 -3.98
N LYS B 133 7.89 17.85 -3.05
CA LYS B 133 9.19 18.09 -2.43
C LYS B 133 10.31 17.81 -3.40
N LEU B 134 10.35 16.61 -3.97
CA LEU B 134 11.50 16.18 -4.73
C LEU B 134 11.48 16.52 -6.24
N GLY B 135 10.30 16.73 -6.83
CA GLY B 135 10.20 16.83 -8.28
C GLY B 135 10.77 18.11 -8.88
N LYS C 3 13.31 -10.47 5.15
CA LYS C 3 13.28 -9.84 3.82
C LYS C 3 12.27 -8.70 3.72
N GLN C 4 11.86 -8.45 2.41
CA GLN C 4 10.75 -7.51 2.29
C GLN C 4 9.40 -8.18 2.55
N PHE C 5 8.49 -7.44 3.07
CA PHE C 5 7.16 -7.91 3.34
C PHE C 5 6.44 -8.41 2.07
N HIS C 6 5.60 -9.41 2.22
CA HIS C 6 4.77 -9.85 1.11
C HIS C 6 3.34 -9.38 1.28
N THR C 7 2.85 -8.66 0.28
CA THR C 7 1.49 -8.18 0.27
C THR C 7 0.59 -9.31 -0.21
N GLY C 8 -0.71 -9.20 -0.02
CA GLY C 8 -1.64 -10.14 -0.62
C GLY C 8 -1.88 -11.51 0.03
N ILE C 9 -1.08 -11.89 1.04
CA ILE C 9 -1.34 -13.08 1.86
C ILE C 9 -2.63 -13.00 2.72
N GLU C 10 -3.46 -14.03 2.58
CA GLU C 10 -4.63 -14.16 3.43
C GLU C 10 -4.67 -15.51 4.08
N ILE C 11 -4.66 -15.56 5.43
CA ILE C 11 -4.54 -16.81 6.15
C ILE C 11 -5.88 -17.26 6.68
N LYS C 12 -6.54 -18.12 5.94
CA LYS C 12 -7.91 -18.43 6.28
C LYS C 12 -8.00 -19.75 7.06
N VAL C 13 -7.09 -20.68 6.78
CA VAL C 13 -7.20 -22.02 7.38
C VAL C 13 -5.92 -22.31 8.12
N TRP C 14 -6.00 -22.29 9.44
CA TRP C 14 -4.81 -22.41 10.28
C TRP C 14 -5.22 -22.99 11.61
N ALA C 15 -4.26 -23.62 12.27
CA ALA C 15 -4.54 -24.43 13.43
C ALA C 15 -3.57 -24.02 14.52
N ILE C 16 -4.02 -24.27 15.78
CA ILE C 16 -3.16 -24.09 16.92
C ILE C 16 -2.88 -25.44 17.52
N ALA C 17 -1.54 -25.69 17.73
CA ALA C 17 -1.12 -26.87 18.47
C ALA C 17 -0.48 -26.38 19.73
N CYS C 18 -1.08 -26.65 20.88
CA CYS C 18 -0.50 -26.11 22.11
C CYS C 18 0.22 -27.17 22.94
N PHE C 19 1.55 -27.09 22.97
CA PHE C 19 2.38 -28.06 23.68
C PHE C 19 2.72 -27.59 25.12
N ALA C 20 2.32 -26.32 25.42
CA ALA C 20 2.36 -25.91 26.84
C ALA C 20 1.15 -26.44 27.61
N PRO C 21 1.26 -26.78 28.87
CA PRO C 21 0.13 -27.32 29.62
C PRO C 21 -1.01 -26.30 29.68
N GLN C 22 -2.24 -26.76 29.58
CA GLN C 22 -3.43 -25.92 29.70
C GLN C 22 -3.45 -25.09 30.98
N ARG C 23 -2.82 -25.58 32.04
CA ARG C 23 -2.94 -24.90 33.32
C ARG C 23 -2.09 -23.65 33.33
N GLN C 24 -1.12 -23.60 32.44
CA GLN C 24 -0.28 -22.42 32.33
C GLN C 24 -0.72 -21.56 31.14
N CYS C 25 -1.21 -22.23 30.12
CA CYS C 25 -1.65 -21.53 28.95
C CYS C 25 -3.09 -21.95 28.67
N THR C 26 -4.02 -21.35 29.40
CA THR C 26 -5.44 -21.69 29.34
C THR C 26 -6.06 -21.28 28.02
N GLU C 27 -7.26 -21.80 27.83
CA GLU C 27 -8.09 -21.54 26.67
C GLU C 27 -8.34 -20.03 26.47
N VAL C 28 -8.57 -19.25 27.52
CA VAL C 28 -8.73 -17.78 27.49
C VAL C 28 -7.44 -17.02 27.11
N HIS C 29 -6.28 -17.48 27.55
CA HIS C 29 -4.99 -16.98 27.05
C HIS C 29 -4.84 -17.17 25.54
N LEU C 30 -5.18 -18.36 25.05
CA LEU C 30 -5.10 -18.63 23.63
C LEU C 30 -6.04 -17.78 22.79
N LYS C 31 -7.26 -17.57 23.28
CA LYS C 31 -8.26 -16.81 22.53
C LYS C 31 -8.01 -15.27 22.53
N SER C 32 -7.54 -14.77 23.64
CA SER C 32 -7.09 -13.39 23.72
C SER C 32 -5.85 -13.15 22.85
N PHE C 33 -4.94 -14.11 22.83
CA PHE C 33 -3.75 -14.01 21.99
C PHE C 33 -4.12 -14.04 20.49
N THR C 34 -5.01 -14.96 20.13
CA THR C 34 -5.52 -15.09 18.78
C THR C 34 -6.13 -13.75 18.29
N GLU C 35 -6.88 -13.06 19.21
CA GLU C 35 -7.57 -11.84 18.81
C GLU C 35 -6.58 -10.73 18.48
N GLN C 36 -5.59 -10.59 19.33
CA GLN C 36 -4.52 -9.63 19.13
C GLN C 36 -3.69 -9.94 17.91
N LEU C 37 -3.51 -11.23 17.63
CA LEU C 37 -2.83 -11.65 16.41
C LEU C 37 -3.62 -11.35 15.14
N ARG C 38 -4.90 -11.73 15.12
CA ARG C 38 -5.88 -11.25 14.16
C ARG C 38 -5.71 -9.75 13.83
N LYS C 39 -5.77 -8.98 14.81
CA LYS C 39 -5.82 -7.54 14.64
C LYS C 39 -4.54 -6.98 14.03
N ILE C 40 -3.31 -7.37 14.48
CA ILE C 40 -2.08 -6.76 13.99
C ILE C 40 -1.77 -7.32 12.58
N SER C 41 -2.12 -8.59 12.33
CA SER C 41 -2.01 -9.16 11.01
C SER C 41 -2.91 -8.49 9.94
N ARG C 42 -4.18 -8.28 10.31
CA ARG C 42 -5.08 -7.46 9.51
C ARG C 42 -4.46 -6.11 9.18
N ASP C 43 -4.09 -5.37 10.22
CA ASP C 43 -3.57 -4.01 10.06
C ASP C 43 -2.40 -3.96 9.09
N ALA C 44 -1.62 -5.03 9.02
CA ALA C 44 -0.36 -5.04 8.29
C ALA C 44 -0.55 -5.68 6.91
N GLY C 45 -1.78 -6.04 6.60
CA GLY C 45 -2.09 -6.54 5.29
C GLY C 45 -1.78 -8.01 5.07
N MET C 46 -1.66 -8.80 6.14
CA MET C 46 -1.49 -10.27 5.99
C MET C 46 -2.48 -11.07 6.82
N PRO C 47 -3.76 -10.78 6.62
CA PRO C 47 -4.75 -11.03 7.67
C PRO C 47 -4.83 -12.52 8.04
N ILE C 48 -4.73 -12.82 9.34
CA ILE C 48 -5.05 -14.17 9.80
C ILE C 48 -6.42 -14.17 10.36
N GLN C 49 -7.30 -15.09 9.87
CA GLN C 49 -8.68 -15.08 10.33
C GLN C 49 -8.81 -15.45 11.82
N GLY C 50 -9.82 -14.91 12.47
CA GLY C 50 -9.96 -15.03 13.91
C GLY C 50 -10.19 -16.42 14.47
N GLN C 51 -10.60 -17.38 13.59
CA GLN C 51 -10.97 -18.66 14.16
C GLN C 51 -10.05 -19.71 13.59
N PRO C 52 -9.20 -20.33 14.41
CA PRO C 52 -8.48 -21.53 13.96
C PRO C 52 -9.41 -22.68 13.67
N CYS C 53 -9.03 -23.47 12.63
CA CYS C 53 -9.84 -24.65 12.32
C CYS C 53 -9.73 -25.76 13.39
N PHE C 54 -8.75 -25.54 14.28
CA PHE C 54 -8.35 -26.57 15.24
C PHE C 54 -7.46 -25.94 16.31
N CYS C 55 -7.83 -26.19 17.56
CA CYS C 55 -7.00 -25.75 18.66
C CYS C 55 -7.04 -26.83 19.72
N LYS C 56 -5.89 -27.49 19.94
CA LYS C 56 -5.83 -28.56 20.92
C LYS C 56 -4.52 -28.57 21.69
N TYR C 57 -4.57 -29.12 22.91
CA TYR C 57 -3.39 -29.31 23.75
C TYR C 57 -2.75 -30.66 23.46
N ALA C 58 -1.42 -30.70 23.56
CA ALA C 58 -0.68 -31.94 23.42
C ALA C 58 0.55 -31.83 24.26
N GLN C 59 1.10 -32.97 24.71
CA GLN C 59 2.33 -32.96 25.50
C GLN C 59 3.39 -33.90 24.92
N GLY C 60 4.61 -33.46 24.77
CA GLY C 60 5.72 -34.34 24.44
C GLY C 60 6.05 -34.33 22.96
N ALA C 61 7.33 -34.34 22.61
CA ALA C 61 7.73 -34.46 21.22
C ALA C 61 7.03 -35.66 20.49
N ASP C 62 6.76 -36.73 21.24
CA ASP C 62 6.18 -37.97 20.67
C ASP C 62 4.79 -37.80 20.13
N SER C 63 4.17 -36.69 20.49
CA SER C 63 2.81 -36.43 20.05
C SER C 63 2.75 -35.48 18.83
N VAL C 64 3.89 -34.89 18.46
CA VAL C 64 3.94 -33.98 17.31
C VAL C 64 3.49 -34.62 16.04
N GLU C 65 4.05 -35.79 15.72
CA GLU C 65 3.80 -36.37 14.38
C GLU C 65 2.39 -36.90 14.18
N PRO C 66 1.88 -37.65 15.16
CA PRO C 66 0.49 -38.10 15.09
C PRO C 66 -0.53 -36.96 15.01
N MET C 67 -0.31 -35.88 15.78
CA MET C 67 -1.18 -34.69 15.65
C MET C 67 -1.11 -34.00 14.27
N PHE C 68 0.09 -33.81 13.76
CA PHE C 68 0.30 -33.13 12.50
C PHE C 68 -0.27 -33.97 11.32
N ARG C 69 -0.12 -35.30 11.36
CA ARG C 69 -0.70 -36.16 10.35
C ARG C 69 -2.21 -36.00 10.37
N HIS C 70 -2.79 -35.99 11.56
CA HIS C 70 -4.21 -35.76 11.68
C HIS C 70 -4.64 -34.42 11.07
N LEU C 71 -3.98 -33.33 11.46
CA LEU C 71 -4.14 -32.03 10.80
C LEU C 71 -4.03 -32.04 9.26
N LYS C 72 -2.96 -32.63 8.72
CA LYS C 72 -2.78 -32.74 7.28
C LYS C 72 -3.88 -33.55 6.57
N ASN C 73 -4.33 -34.61 7.23
CA ASN C 73 -5.35 -35.49 6.65
C ASN C 73 -6.76 -34.92 6.67
N THR C 74 -7.01 -34.06 7.64
CA THR C 74 -8.35 -33.62 7.98
C THR C 74 -8.66 -32.24 7.44
N TYR C 75 -7.64 -31.43 7.21
CA TYR C 75 -7.90 -30.05 6.87
C TYR C 75 -7.19 -29.78 5.56
N ALA C 76 -8.01 -29.97 4.47
CA ALA C 76 -7.59 -29.54 3.15
C ALA C 76 -7.61 -28.02 3.14
N GLY C 77 -6.48 -27.43 2.61
CA GLY C 77 -6.44 -25.99 2.61
C GLY C 77 -5.71 -25.43 3.81
N LEU C 78 -5.33 -26.29 4.72
CA LEU C 78 -4.49 -25.88 5.86
C LEU C 78 -3.24 -25.11 5.43
N GLN C 79 -3.09 -23.86 5.89
CA GLN C 79 -1.98 -23.03 5.48
C GLN C 79 -0.84 -22.94 6.51
N LEU C 80 -1.14 -23.19 7.78
CA LEU C 80 -0.16 -22.90 8.85
C LEU C 80 -0.58 -23.56 10.15
N VAL C 81 0.41 -24.09 10.87
CA VAL C 81 0.20 -24.53 12.24
C VAL C 81 1.03 -23.66 13.14
N VAL C 82 0.35 -22.99 14.05
CA VAL C 82 1.01 -22.19 15.08
C VAL C 82 1.19 -23.09 16.29
N VAL C 83 2.42 -23.20 16.77
CA VAL C 83 2.74 -24.23 17.76
C VAL C 83 3.23 -23.53 18.99
N ILE C 84 2.59 -23.73 20.10
CA ILE C 84 2.96 -23.06 21.34
C ILE C 84 3.92 -23.92 22.13
N LEU C 85 5.04 -23.37 22.51
CA LEU C 85 6.12 -24.12 23.15
C LEU C 85 6.37 -23.72 24.61
N PRO C 86 6.39 -24.73 25.51
CA PRO C 86 6.73 -24.47 26.91
C PRO C 86 8.25 -24.36 27.04
N GLY C 87 8.80 -23.20 26.71
CA GLY C 87 10.21 -22.99 26.89
C GLY C 87 11.05 -23.79 25.91
N LYS C 88 12.22 -24.23 26.37
CA LYS C 88 13.16 -25.06 25.60
C LYS C 88 12.83 -26.53 25.77
N THR C 89 12.71 -27.24 24.65
CA THR C 89 11.97 -28.49 24.61
C THR C 89 12.34 -29.16 23.27
N PRO C 90 12.47 -30.47 23.24
CA PRO C 90 12.80 -31.18 22.01
C PRO C 90 11.61 -31.03 21.09
N VAL C 91 10.52 -30.47 21.60
CA VAL C 91 9.32 -30.29 20.76
C VAL C 91 9.66 -29.37 19.58
N TYR C 92 10.50 -28.37 19.78
CA TYR C 92 10.89 -27.51 18.67
C TYR C 92 11.52 -28.26 17.49
N ALA C 93 12.58 -29.02 17.76
CA ALA C 93 13.24 -29.79 16.71
C ALA C 93 12.34 -30.84 16.04
N GLU C 94 11.40 -31.41 16.80
CA GLU C 94 10.50 -32.45 16.28
C GLU C 94 9.48 -31.81 15.35
N VAL C 95 9.01 -30.62 15.74
CA VAL C 95 8.07 -29.85 14.93
C VAL C 95 8.65 -29.50 13.55
N LYS C 96 9.88 -29.00 13.54
CA LYS C 96 10.58 -28.66 12.31
C LYS C 96 10.83 -29.91 11.48
N ARG C 97 11.23 -31.00 12.13
CA ARG C 97 11.46 -32.27 11.43
C ARG C 97 10.17 -32.81 10.82
N VAL C 98 9.11 -32.88 11.60
CA VAL C 98 7.86 -33.35 11.06
C VAL C 98 7.26 -32.41 9.99
N GLY C 99 7.20 -31.11 10.29
CA GLY C 99 6.62 -30.14 9.36
C GLY C 99 7.40 -29.96 8.05
N ASP C 100 8.71 -29.79 8.16
CA ASP C 100 9.55 -29.42 7.05
C ASP C 100 9.90 -30.64 6.21
N THR C 101 10.12 -31.78 6.88
CA THR C 101 10.72 -32.99 6.29
C THR C 101 9.76 -34.17 6.10
N VAL C 102 8.96 -34.48 7.11
CA VAL C 102 8.08 -35.63 7.01
C VAL C 102 6.82 -35.25 6.22
N LEU C 103 6.20 -34.11 6.54
CA LEU C 103 4.86 -33.87 6.05
C LEU C 103 4.76 -32.73 5.06
N GLY C 104 5.79 -31.89 4.99
CA GLY C 104 5.70 -30.62 4.25
C GLY C 104 4.54 -29.67 4.60
N MET C 105 4.53 -29.20 5.85
CA MET C 105 3.48 -28.34 6.38
C MET C 105 4.16 -27.12 7.00
N ALA C 106 3.71 -25.93 6.67
CA ALA C 106 4.21 -24.72 7.31
C ALA C 106 3.76 -24.69 8.76
N THR C 107 4.69 -24.41 9.65
CA THR C 107 4.44 -24.38 11.07
C THR C 107 5.20 -23.15 11.53
N GLN C 108 4.72 -22.50 12.59
CA GLN C 108 5.48 -21.43 13.24
C GLN C 108 5.36 -21.56 14.75
N CYS C 109 6.50 -21.69 15.42
CA CYS C 109 6.57 -21.79 16.87
C CYS C 109 6.49 -20.44 17.56
N VAL C 110 5.90 -20.45 18.73
CA VAL C 110 5.84 -19.25 19.57
C VAL C 110 5.98 -19.70 21.00
N GLN C 111 6.77 -18.98 21.76
CA GLN C 111 6.93 -19.27 23.18
C GLN C 111 5.64 -19.07 23.96
N MET C 112 5.35 -20.03 24.84
CA MET C 112 4.25 -19.90 25.80
C MET C 112 4.15 -18.53 26.52
N LYS C 113 5.27 -17.97 26.97
CA LYS C 113 5.28 -16.65 27.63
C LYS C 113 4.75 -15.48 26.78
N ASN C 114 4.98 -15.56 25.48
CA ASN C 114 4.53 -14.56 24.52
C ASN C 114 3.06 -14.74 24.13
N VAL C 115 2.49 -15.91 24.42
CA VAL C 115 1.06 -16.07 24.49
C VAL C 115 0.49 -15.52 25.79
N GLN C 116 1.14 -15.86 26.90
CA GLN C 116 0.69 -15.43 28.21
C GLN C 116 0.71 -13.91 28.36
N ARG C 117 1.82 -13.30 27.97
CA ARG C 117 1.85 -11.85 27.80
C ARG C 117 2.31 -11.40 26.44
N THR C 118 1.33 -11.08 25.60
CA THR C 118 1.59 -10.56 24.27
C THR C 118 2.08 -9.10 24.38
N THR C 119 2.99 -8.72 23.51
CA THR C 119 3.34 -7.34 23.30
C THR C 119 3.32 -7.10 21.81
N PRO C 120 3.22 -5.81 21.39
CA PRO C 120 3.22 -5.58 19.93
C PRO C 120 4.48 -6.09 19.26
N GLN C 121 5.59 -5.91 19.90
CA GLN C 121 6.88 -6.30 19.34
C GLN C 121 6.96 -7.78 19.09
N THR C 122 6.33 -8.58 19.93
CA THR C 122 6.41 -10.02 19.83
C THR C 122 5.36 -10.60 18.86
N LEU C 123 4.22 -9.94 18.74
CA LEU C 123 3.26 -10.35 17.72
C LEU C 123 3.81 -10.04 16.33
N SER C 124 4.51 -8.91 16.21
CA SER C 124 5.20 -8.49 14.98
C SER C 124 6.24 -9.53 14.55
N ASN C 125 7.11 -9.92 15.48
CA ASN C 125 8.11 -10.95 15.17
C ASN C 125 7.39 -12.11 14.49
N LEU C 126 6.31 -12.57 15.11
CA LEU C 126 5.60 -13.77 14.70
C LEU C 126 4.96 -13.58 13.31
N CYS C 127 4.34 -12.43 13.11
CA CYS C 127 3.82 -12.01 11.79
C CYS C 127 4.84 -12.01 10.62
N LEU C 128 6.00 -11.42 10.88
CA LEU C 128 7.10 -11.34 9.94
C LEU C 128 7.67 -12.71 9.60
N LYS C 129 7.80 -13.55 10.61
CA LYS C 129 8.23 -14.91 10.39
C LYS C 129 7.21 -15.67 9.53
N ILE C 130 5.92 -15.52 9.85
CA ILE C 130 4.85 -16.13 9.09
C ILE C 130 4.81 -15.61 7.65
N ASN C 131 5.01 -14.32 7.48
CA ASN C 131 5.07 -13.73 6.15
C ASN C 131 6.20 -14.23 5.25
N VAL C 132 7.40 -14.36 5.80
CA VAL C 132 8.49 -15.01 5.08
C VAL C 132 8.10 -16.40 4.56
N LYS C 133 7.36 -17.15 5.40
CA LYS C 133 7.10 -18.56 5.19
C LYS C 133 6.08 -18.73 4.12
N LEU C 134 5.01 -17.97 4.24
CA LEU C 134 3.89 -18.15 3.39
C LEU C 134 3.95 -17.23 2.18
N GLY C 135 4.89 -16.30 2.18
CA GLY C 135 5.02 -15.35 1.08
C GLY C 135 6.12 -15.65 0.08
#